data_1TIP
#
_entry.id   1TIP
#
_cell.length_a   48.230
_cell.length_b   56.520
_cell.length_c   90.900
_cell.angle_alpha   90.00
_cell.angle_beta   94.48
_cell.angle_gamma   90.00
#
_symmetry.space_group_name_H-M   'P 1 21 1'
#
loop_
_entity.id
_entity.type
_entity.pdbx_description
1 polymer 'PHOSPHOENZYME INTERMEDIATE OF FRU-2,6-BISPHOSPHATASE'
2 non-polymer 6-O-phosphono-beta-D-fructofuranose
3 water water
#
_entity_poly.entity_id   1
_entity_poly.type   'polypeptide(L)'
_entity_poly.pdbx_seq_one_letter_code
;MRSIYLCR(NEP)GESELNLRGRIGGDSGLSARGKQYAYALANFIRSQGISSLKVWTSHMKRTIQTAEALGVPYEQWKAL
NEIDAGVCEEMTYEEIQEHYPEEFALRDQDKYRYRYPKGESYEDLVQRLEPVIMELERQENVLVICHQAVMRCLLAYFLD
KSSDELPYLKCPLHTVLKLTPVAYGCRVESIYLNV
;
_entity_poly.pdbx_strand_id   A,B
#
# COMPACT_ATOMS: atom_id res chain seq x y z
N MET A 1 1.40 30.73 -23.90
CA MET A 1 1.91 30.53 -22.51
C MET A 1 2.47 29.12 -22.49
N ARG A 2 3.49 28.88 -21.66
CA ARG A 2 4.11 27.54 -21.59
C ARG A 2 3.39 26.66 -20.58
N SER A 3 3.30 25.37 -20.91
CA SER A 3 2.66 24.41 -20.04
C SER A 3 3.56 23.20 -19.86
N ILE A 4 3.62 22.69 -18.63
CA ILE A 4 4.41 21.52 -18.32
C ILE A 4 3.44 20.37 -18.06
N TYR A 5 3.51 19.35 -18.90
CA TYR A 5 2.66 18.17 -18.77
C TYR A 5 3.42 17.12 -17.97
N LEU A 6 2.82 16.63 -16.89
CA LEU A 6 3.44 15.59 -16.06
C LEU A 6 2.54 14.36 -15.99
N CYS A 7 3.14 13.20 -16.21
CA CYS A 7 2.39 11.95 -16.14
C CYS A 7 3.35 10.81 -15.87
N ARG A 8 2.78 9.65 -15.54
CA ARG A 8 3.59 8.48 -15.28
C ARG A 8 3.55 7.61 -16.51
N GLY A 10 2.84 4.22 -18.64
CA GLY A 10 1.57 3.50 -18.67
C GLY A 10 1.67 2.39 -17.63
N GLU A 11 0.55 1.77 -17.29
CA GLU A 11 0.50 0.69 -16.29
C GLU A 11 1.53 -0.39 -16.58
N SER A 12 2.45 -0.62 -15.64
CA SER A 12 3.48 -1.65 -15.83
C SER A 12 2.98 -3.00 -15.32
N GLU A 13 3.71 -4.07 -15.66
CA GLU A 13 3.35 -5.41 -15.21
C GLU A 13 3.44 -5.50 -13.69
N LEU A 14 4.47 -4.88 -13.11
CA LEU A 14 4.64 -4.88 -11.67
C LEU A 14 3.55 -4.07 -10.99
N ASN A 15 3.03 -3.06 -11.68
CA ASN A 15 1.95 -2.24 -11.12
C ASN A 15 0.72 -3.13 -10.96
N LEU A 16 0.48 -3.94 -11.99
CA LEU A 16 -0.66 -4.86 -12.03
C LEU A 16 -0.58 -5.93 -10.93
N ARG A 17 0.65 -6.30 -10.58
CA ARG A 17 0.89 -7.29 -9.54
C ARG A 17 0.96 -6.67 -8.14
N GLY A 18 0.90 -5.34 -8.07
CA GLY A 18 0.96 -4.66 -6.80
C GLY A 18 2.35 -4.69 -6.16
N ARG A 19 3.37 -4.65 -7.00
CA ARG A 19 4.75 -4.67 -6.54
C ARG A 19 5.47 -3.38 -6.89
N ILE A 20 6.37 -2.94 -6.00
CA ILE A 20 7.09 -1.69 -6.18
C ILE A 20 8.40 -1.78 -6.95
N GLY A 21 8.86 -0.64 -7.44
CA GLY A 21 10.12 -0.56 -8.18
C GLY A 21 10.27 -1.49 -9.37
N GLY A 22 11.49 -1.98 -9.55
CA GLY A 22 11.79 -2.87 -10.65
C GLY A 22 11.90 -2.14 -11.98
N ASP A 23 12.10 -2.90 -13.05
CA ASP A 23 12.20 -2.34 -14.39
C ASP A 23 11.43 -3.23 -15.34
N SER A 24 10.11 -3.24 -15.19
CA SER A 24 9.25 -4.07 -16.03
C SER A 24 8.62 -3.27 -17.19
N GLY A 25 8.09 -3.98 -18.17
CA GLY A 25 7.47 -3.34 -19.32
C GLY A 25 6.00 -3.01 -19.11
N LEU A 26 5.41 -2.33 -20.09
CA LEU A 26 4.01 -1.95 -20.03
C LEU A 26 3.09 -3.13 -20.28
N SER A 27 1.95 -3.14 -19.60
CA SER A 27 0.94 -4.18 -19.73
C SER A 27 0.11 -3.86 -20.98
N ALA A 28 -0.93 -4.67 -21.23
CA ALA A 28 -1.79 -4.46 -22.39
C ALA A 28 -2.46 -3.08 -22.37
N ARG A 29 -3.29 -2.82 -21.36
CA ARG A 29 -3.96 -1.52 -21.30
C ARG A 29 -2.96 -0.40 -20.95
N GLY A 30 -1.73 -0.79 -20.62
CA GLY A 30 -0.71 0.19 -20.33
C GLY A 30 -0.30 0.77 -21.68
N LYS A 31 -0.23 -0.09 -22.69
CA LYS A 31 0.11 0.30 -24.05
C LYS A 31 -1.05 1.10 -24.64
N GLN A 32 -2.28 0.72 -24.32
CA GLN A 32 -3.45 1.44 -24.80
C GLN A 32 -3.44 2.87 -24.27
N TYR A 33 -2.74 3.09 -23.15
CA TYR A 33 -2.63 4.42 -22.59
C TYR A 33 -1.60 5.21 -23.38
N ALA A 34 -0.53 4.53 -23.81
CA ALA A 34 0.51 5.18 -24.60
C ALA A 34 -0.11 5.73 -25.88
N TYR A 35 -1.04 4.96 -26.45
CA TYR A 35 -1.75 5.37 -27.66
C TYR A 35 -2.72 6.50 -27.37
N ALA A 36 -3.42 6.42 -26.25
CA ALA A 36 -4.37 7.46 -25.86
C ALA A 36 -3.64 8.77 -25.55
N LEU A 37 -2.43 8.67 -25.02
CA LEU A 37 -1.63 9.84 -24.70
C LEU A 37 -1.22 10.52 -26.01
N ALA A 38 -0.80 9.71 -26.98
CA ALA A 38 -0.39 10.22 -28.30
C ALA A 38 -1.53 11.00 -28.94
N ASN A 39 -2.75 10.52 -28.73
CA ASN A 39 -3.94 11.16 -29.29
C ASN A 39 -4.18 12.51 -28.62
N PHE A 40 -4.20 12.51 -27.29
CA PHE A 40 -4.42 13.72 -26.51
C PHE A 40 -3.38 14.81 -26.82
N ILE A 41 -2.11 14.40 -26.86
CA ILE A 41 -1.01 15.31 -27.13
C ILE A 41 -1.20 15.97 -28.51
N ARG A 42 -1.54 15.18 -29.52
CA ARG A 42 -1.76 15.72 -30.85
C ARG A 42 -2.90 16.74 -30.83
N SER A 43 -4.00 16.39 -30.16
CA SER A 43 -5.17 17.26 -30.06
C SER A 43 -4.89 18.56 -29.30
N GLN A 44 -3.80 18.61 -28.58
CA GLN A 44 -3.44 19.80 -27.83
C GLN A 44 -2.81 20.86 -28.73
N GLY A 45 -2.32 20.42 -29.89
CA GLY A 45 -1.70 21.33 -30.83
C GLY A 45 -0.64 22.18 -30.17
N ILE A 46 0.28 21.52 -29.48
CA ILE A 46 1.37 22.19 -28.77
C ILE A 46 2.50 22.51 -29.74
N SER A 47 3.03 23.72 -29.62
CA SER A 47 4.12 24.19 -30.47
C SER A 47 5.48 23.79 -29.91
N SER A 48 6.24 23.05 -30.72
CA SER A 48 7.58 22.61 -30.35
C SER A 48 7.61 21.98 -28.94
N LEU A 49 7.00 20.81 -28.82
CA LEU A 49 6.96 20.10 -27.55
C LEU A 49 8.23 19.31 -27.30
N LYS A 50 8.87 19.51 -26.16
CA LYS A 50 10.05 18.73 -25.82
C LYS A 50 9.51 17.59 -24.94
N VAL A 51 10.01 16.38 -25.16
CA VAL A 51 9.59 15.20 -24.40
C VAL A 51 10.77 14.57 -23.67
N TRP A 52 10.59 14.35 -22.36
CA TRP A 52 11.61 13.74 -21.50
C TRP A 52 11.10 12.46 -20.88
N THR A 53 11.99 11.48 -20.71
CA THR A 53 11.64 10.19 -20.08
C THR A 53 12.85 9.79 -19.25
N SER A 54 12.76 8.64 -18.59
CA SER A 54 13.86 8.14 -17.77
C SER A 54 14.54 7.02 -18.53
N HIS A 55 15.47 6.32 -17.88
CA HIS A 55 16.15 5.19 -18.51
C HIS A 55 15.35 3.90 -18.36
N MET A 56 14.26 3.95 -17.60
CA MET A 56 13.40 2.79 -17.38
C MET A 56 12.51 2.47 -18.56
N LYS A 57 12.44 1.17 -18.89
CA LYS A 57 11.65 0.68 -20.01
C LYS A 57 10.22 1.16 -20.08
N ARG A 58 9.52 1.16 -18.94
CA ARG A 58 8.13 1.58 -18.93
C ARG A 58 7.85 3.01 -19.41
N THR A 59 8.76 3.94 -19.12
CA THR A 59 8.60 5.32 -19.56
C THR A 59 8.95 5.40 -21.05
N ILE A 60 10.07 4.80 -21.42
CA ILE A 60 10.52 4.79 -22.80
C ILE A 60 9.42 4.25 -23.73
N GLN A 61 8.90 3.08 -23.39
CA GLN A 61 7.85 2.44 -24.17
C GLN A 61 6.60 3.29 -24.36
N THR A 62 6.29 4.11 -23.36
CA THR A 62 5.11 4.98 -23.43
C THR A 62 5.34 6.12 -24.43
N ALA A 63 6.56 6.66 -24.43
CA ALA A 63 6.97 7.75 -25.32
C ALA A 63 7.01 7.30 -26.78
N GLU A 64 7.41 6.06 -27.02
CA GLU A 64 7.48 5.51 -28.36
C GLU A 64 6.18 5.71 -29.13
N ALA A 65 5.06 5.48 -28.46
CA ALA A 65 3.74 5.61 -29.08
C ALA A 65 3.39 7.02 -29.57
N LEU A 66 4.18 8.01 -29.15
CA LEU A 66 3.95 9.40 -29.53
C LEU A 66 4.43 9.69 -30.95
N GLY A 67 5.43 8.95 -31.42
CA GLY A 67 5.94 9.17 -32.75
C GLY A 67 7.07 10.20 -32.77
N VAL A 68 6.86 11.30 -32.07
CA VAL A 68 7.84 12.37 -31.98
C VAL A 68 9.09 11.93 -31.21
N PRO A 69 10.24 12.60 -31.44
CA PRO A 69 11.46 12.24 -30.73
C PRO A 69 11.41 12.67 -29.27
N TYR A 70 12.17 11.98 -28.42
CA TYR A 70 12.21 12.27 -27.00
C TYR A 70 13.63 12.14 -26.47
N GLU A 71 13.85 12.54 -25.23
CA GLU A 71 15.17 12.47 -24.60
C GLU A 71 15.08 11.68 -23.28
N GLN A 72 16.15 10.96 -22.96
CA GLN A 72 16.20 10.16 -21.73
C GLN A 72 17.08 10.75 -20.65
N TRP A 73 16.56 10.83 -19.44
CA TRP A 73 17.28 11.36 -18.28
C TRP A 73 17.40 10.29 -17.20
N LYS A 74 18.62 10.05 -16.73
CA LYS A 74 18.86 9.08 -15.66
C LYS A 74 18.30 9.63 -14.34
N ALA A 75 18.45 10.94 -14.14
CA ALA A 75 17.97 11.60 -12.94
C ALA A 75 16.45 11.48 -12.75
N LEU A 76 15.74 11.05 -13.78
CA LEU A 76 14.29 10.90 -13.69
C LEU A 76 13.89 9.47 -13.32
N ASN A 77 14.89 8.62 -13.10
CA ASN A 77 14.64 7.22 -12.72
C ASN A 77 13.89 7.21 -11.39
N GLU A 78 13.00 6.23 -11.21
CA GLU A 78 12.21 6.10 -10.00
C GLU A 78 13.08 5.92 -8.76
N ILE A 79 12.51 6.28 -7.61
CA ILE A 79 13.19 6.18 -6.32
C ILE A 79 13.63 4.72 -6.08
N ASP A 80 14.83 4.55 -5.59
CA ASP A 80 15.37 3.22 -5.30
C ASP A 80 14.84 2.74 -3.95
N ALA A 81 14.10 1.64 -3.95
CA ALA A 81 13.56 1.09 -2.69
C ALA A 81 14.62 0.22 -2.01
N GLY A 82 15.76 0.06 -2.70
CA GLY A 82 16.84 -0.73 -2.16
C GLY A 82 16.50 -2.21 -2.01
N VAL A 83 16.77 -2.76 -0.83
CA VAL A 83 16.51 -4.17 -0.58
C VAL A 83 15.03 -4.58 -0.76
N CYS A 84 14.12 -3.61 -0.63
CA CYS A 84 12.69 -3.89 -0.78
C CYS A 84 12.21 -3.84 -2.23
N GLU A 85 13.13 -3.71 -3.18
CA GLU A 85 12.79 -3.66 -4.60
C GLU A 85 11.99 -4.88 -5.06
N GLU A 86 10.87 -4.62 -5.72
CA GLU A 86 9.97 -5.65 -6.24
C GLU A 86 9.11 -6.41 -5.21
N MET A 87 9.08 -5.94 -3.97
CA MET A 87 8.27 -6.57 -2.93
C MET A 87 6.90 -5.92 -2.90
N THR A 88 5.91 -6.62 -2.34
CA THR A 88 4.58 -6.06 -2.18
C THR A 88 4.66 -5.38 -0.81
N TYR A 89 3.62 -4.65 -0.41
CA TYR A 89 3.65 -4.02 0.91
C TYR A 89 3.56 -5.06 2.04
N GLU A 90 2.79 -6.12 1.82
CA GLU A 90 2.68 -7.18 2.81
C GLU A 90 4.07 -7.78 3.07
N GLU A 91 4.80 -8.05 1.99
CA GLU A 91 6.14 -8.62 2.09
C GLU A 91 7.13 -7.73 2.85
N ILE A 92 6.97 -6.43 2.71
CA ILE A 92 7.85 -5.49 3.41
C ILE A 92 7.53 -5.48 4.91
N GLN A 93 6.24 -5.56 5.23
CA GLN A 93 5.77 -5.56 6.62
C GLN A 93 6.26 -6.80 7.37
N GLU A 94 6.25 -7.94 6.68
CA GLU A 94 6.67 -9.21 7.27
C GLU A 94 8.18 -9.36 7.38
N HIS A 95 8.89 -9.04 6.29
CA HIS A 95 10.35 -9.19 6.26
C HIS A 95 11.18 -8.02 6.76
N TYR A 96 10.56 -6.85 6.86
CA TYR A 96 11.23 -5.64 7.38
C TYR A 96 10.20 -4.86 8.20
N PRO A 97 9.69 -5.45 9.28
CA PRO A 97 8.68 -4.81 10.15
C PRO A 97 9.13 -3.53 10.86
N GLU A 98 10.39 -3.49 11.26
CA GLU A 98 10.91 -2.31 11.96
C GLU A 98 11.18 -1.19 10.96
N GLU A 99 11.63 -1.57 9.77
CA GLU A 99 11.92 -0.60 8.73
C GLU A 99 10.60 0.04 8.28
N PHE A 100 9.58 -0.78 8.08
CA PHE A 100 8.27 -0.29 7.65
C PHE A 100 7.70 0.72 8.66
N ALA A 101 7.87 0.44 9.95
CA ALA A 101 7.38 1.32 11.00
C ALA A 101 8.08 2.69 10.98
N LEU A 102 9.38 2.69 10.76
CA LEU A 102 10.17 3.93 10.70
C LEU A 102 9.77 4.83 9.52
N ARG A 103 9.25 4.23 8.45
CA ARG A 103 8.85 5.01 7.28
C ARG A 103 7.70 5.95 7.61
N ASP A 104 6.60 5.40 8.13
CA ASP A 104 5.43 6.20 8.49
C ASP A 104 5.79 7.34 9.43
N GLN A 105 6.87 7.18 10.18
CA GLN A 105 7.34 8.18 11.12
C GLN A 105 7.78 9.44 10.35
N ASP A 106 8.68 9.25 9.39
CA ASP A 106 9.19 10.35 8.57
C ASP A 106 9.41 9.82 7.17
N LYS A 107 8.37 9.92 6.35
CA LYS A 107 8.42 9.43 4.98
C LYS A 107 9.37 10.23 4.09
N TYR A 108 9.70 11.45 4.50
CA TYR A 108 10.58 12.30 3.70
C TYR A 108 12.05 11.93 3.76
N ARG A 109 12.56 11.66 4.95
CA ARG A 109 13.98 11.32 5.11
C ARG A 109 14.29 9.84 5.32
N TYR A 110 13.27 9.02 5.48
CA TYR A 110 13.49 7.59 5.70
C TYR A 110 14.09 6.85 4.50
N ARG A 111 15.08 6.00 4.76
CA ARG A 111 15.72 5.22 3.70
C ARG A 111 15.60 3.73 3.96
N TYR A 112 15.11 2.99 2.97
CA TYR A 112 15.01 1.55 3.10
C TYR A 112 16.47 1.07 3.07
N PRO A 113 16.73 -0.15 3.58
CA PRO A 113 18.12 -0.65 3.56
C PRO A 113 18.73 -0.60 2.15
N LYS A 114 19.73 0.24 2.01
CA LYS A 114 20.45 0.44 0.75
C LYS A 114 19.62 1.10 -0.37
N GLY A 115 18.64 1.92 0.04
CA GLY A 115 17.78 2.60 -0.90
C GLY A 115 17.83 4.12 -0.77
N GLU A 116 16.93 4.80 -1.46
CA GLU A 116 16.85 6.26 -1.44
C GLU A 116 15.68 6.79 -0.62
N SER A 117 15.80 8.04 -0.21
CA SER A 117 14.76 8.72 0.54
C SER A 117 14.21 9.80 -0.41
N TYR A 118 13.06 10.37 -0.08
CA TYR A 118 12.49 11.42 -0.91
C TYR A 118 13.47 12.60 -0.96
N GLU A 119 14.24 12.78 0.11
CA GLU A 119 15.23 13.84 0.19
C GLU A 119 16.37 13.58 -0.81
N ASP A 120 16.80 12.32 -0.91
CA ASP A 120 17.84 11.92 -1.85
C ASP A 120 17.32 12.24 -3.25
N LEU A 121 16.07 11.83 -3.48
CA LEU A 121 15.37 12.02 -4.75
C LEU A 121 15.30 13.49 -5.17
N VAL A 122 14.96 14.37 -4.23
CA VAL A 122 14.87 15.79 -4.54
C VAL A 122 16.22 16.36 -4.98
N GLN A 123 17.30 15.86 -4.38
CA GLN A 123 18.65 16.30 -4.70
C GLN A 123 19.01 15.98 -6.15
N ARG A 124 18.79 14.74 -6.59
CA ARG A 124 19.12 14.39 -7.96
C ARG A 124 18.15 14.95 -9.01
N LEU A 125 17.08 15.57 -8.55
CA LEU A 125 16.11 16.17 -9.44
C LEU A 125 16.36 17.66 -9.63
N GLU A 126 17.26 18.22 -8.82
CA GLU A 126 17.59 19.65 -8.91
C GLU A 126 17.92 20.06 -10.34
N PRO A 127 18.91 19.40 -10.97
CA PRO A 127 19.26 19.78 -12.35
C PRO A 127 18.10 19.59 -13.34
N VAL A 128 17.21 18.64 -13.06
CA VAL A 128 16.05 18.38 -13.91
C VAL A 128 15.08 19.57 -13.81
N ILE A 129 14.98 20.13 -12.61
CA ILE A 129 14.11 21.27 -12.38
C ILE A 129 14.67 22.54 -13.02
N MET A 130 15.97 22.76 -12.89
CA MET A 130 16.63 23.95 -13.47
C MET A 130 16.41 24.04 -14.98
N GLU A 131 16.52 22.90 -15.67
CA GLU A 131 16.33 22.84 -17.11
C GLU A 131 14.85 23.09 -17.45
N LEU A 132 13.97 22.44 -16.68
CA LEU A 132 12.52 22.54 -16.84
C LEU A 132 12.07 24.01 -16.78
N GLU A 133 12.64 24.75 -15.84
CA GLU A 133 12.34 26.16 -15.64
C GLU A 133 12.70 26.99 -16.88
N ARG A 134 13.84 26.69 -17.50
CA ARG A 134 14.28 27.42 -18.67
C ARG A 134 13.80 26.80 -19.98
N GLN A 135 12.60 26.22 -19.95
CA GLN A 135 12.01 25.60 -21.13
C GLN A 135 10.61 26.14 -21.34
N GLU A 136 10.02 25.87 -22.50
CA GLU A 136 8.68 26.31 -22.80
C GLU A 136 7.69 25.16 -22.59
N ASN A 137 7.25 24.52 -23.66
CA ASN A 137 6.32 23.40 -23.57
C ASN A 137 7.12 22.12 -23.43
N VAL A 138 6.85 21.36 -22.36
CA VAL A 138 7.56 20.11 -22.11
C VAL A 138 6.62 19.04 -21.55
N LEU A 139 6.85 17.79 -21.93
CA LEU A 139 6.09 16.66 -21.42
C LEU A 139 7.08 15.72 -20.72
N VAL A 140 6.85 15.44 -19.44
CA VAL A 140 7.73 14.56 -18.68
C VAL A 140 7.00 13.26 -18.31
N ILE A 141 7.46 12.16 -18.88
CA ILE A 141 6.89 10.84 -18.63
C ILE A 141 7.84 10.23 -17.61
N CYS A 142 7.40 10.20 -16.35
CA CYS A 142 8.25 9.69 -15.28
C CYS A 142 7.58 8.62 -14.40
N HIS A 143 7.78 8.74 -13.10
CA HIS A 143 7.26 7.78 -12.13
C HIS A 143 6.53 8.50 -11.01
N GLN A 144 5.87 7.75 -10.13
CA GLN A 144 5.08 8.32 -9.02
C GLN A 144 5.87 9.15 -8.02
N ALA A 145 6.96 8.60 -7.49
CA ALA A 145 7.75 9.34 -6.52
C ALA A 145 8.44 10.55 -7.16
N VAL A 146 8.89 10.39 -8.40
CA VAL A 146 9.54 11.48 -9.15
C VAL A 146 8.51 12.57 -9.40
N MET A 147 7.33 12.18 -9.87
CA MET A 147 6.25 13.12 -10.17
C MET A 147 5.89 13.93 -8.91
N ARG A 148 5.84 13.26 -7.75
CA ARG A 148 5.53 13.92 -6.49
C ARG A 148 6.53 15.02 -6.16
N CYS A 149 7.82 14.75 -6.45
CA CYS A 149 8.88 15.72 -6.19
C CYS A 149 8.76 16.95 -7.10
N LEU A 150 8.55 16.71 -8.39
CA LEU A 150 8.41 17.78 -9.38
C LEU A 150 7.14 18.58 -9.14
N LEU A 151 6.08 17.88 -8.82
CA LEU A 151 4.77 18.48 -8.55
C LEU A 151 4.83 19.35 -7.30
N ALA A 152 5.56 18.89 -6.28
CA ALA A 152 5.69 19.66 -5.04
C ALA A 152 6.35 21.00 -5.34
N TYR A 153 7.36 20.97 -6.20
CA TYR A 153 8.08 22.19 -6.56
C TYR A 153 7.18 23.23 -7.21
N PHE A 154 6.43 22.82 -8.23
CA PHE A 154 5.55 23.73 -8.96
C PHE A 154 4.30 24.17 -8.22
N LEU A 155 3.71 23.27 -7.44
CA LEU A 155 2.52 23.61 -6.67
C LEU A 155 2.87 24.12 -5.28
N ASP A 156 4.15 24.43 -5.11
CA ASP A 156 4.69 24.95 -3.85
C ASP A 156 4.17 24.15 -2.63
N LYS A 157 4.71 22.96 -2.45
CA LYS A 157 4.33 22.09 -1.33
C LYS A 157 5.49 21.92 -0.38
N SER A 158 5.19 21.53 0.85
CA SER A 158 6.22 21.33 1.86
C SER A 158 6.76 19.90 1.81
N SER A 159 7.85 19.66 2.53
CA SER A 159 8.47 18.34 2.59
C SER A 159 7.55 17.32 3.26
N ASP A 160 6.59 17.82 4.04
CA ASP A 160 5.61 16.97 4.72
C ASP A 160 4.56 16.46 3.74
N GLU A 161 3.98 17.38 2.96
CA GLU A 161 2.96 17.05 1.97
C GLU A 161 3.50 16.22 0.80
N LEU A 162 4.70 16.59 0.35
CA LEU A 162 5.35 15.93 -0.77
C LEU A 162 5.16 14.41 -0.92
N PRO A 163 5.60 13.62 0.07
CA PRO A 163 5.46 12.17 -0.02
C PRO A 163 4.03 11.62 -0.14
N TYR A 164 3.02 12.49 -0.06
CA TYR A 164 1.62 12.06 -0.14
C TYR A 164 0.80 12.70 -1.26
N LEU A 165 1.44 13.41 -2.18
CA LEU A 165 0.71 14.05 -3.29
C LEU A 165 0.07 13.00 -4.22
N LYS A 166 -1.14 13.30 -4.66
CA LYS A 166 -1.89 12.42 -5.54
C LYS A 166 -1.32 12.33 -6.98
N CYS A 167 -0.77 11.17 -7.33
CA CYS A 167 -0.21 10.94 -8.67
C CYS A 167 -0.63 9.58 -9.23
N PRO A 168 -1.91 9.44 -9.59
CA PRO A 168 -2.43 8.18 -10.13
C PRO A 168 -1.96 7.91 -11.55
N LEU A 169 -2.19 6.68 -12.01
CA LEU A 169 -1.82 6.25 -13.35
C LEU A 169 -2.85 6.73 -14.38
N HIS A 170 -2.40 6.83 -15.62
CA HIS A 170 -3.25 7.24 -16.74
C HIS A 170 -3.91 8.59 -16.57
N THR A 171 -3.23 9.47 -15.85
CA THR A 171 -3.75 10.80 -15.58
C THR A 171 -2.64 11.81 -15.86
N VAL A 172 -2.94 12.81 -16.69
CA VAL A 172 -1.97 13.84 -17.05
C VAL A 172 -2.26 15.14 -16.31
N LEU A 173 -1.25 15.72 -15.68
CA LEU A 173 -1.42 16.98 -14.98
C LEU A 173 -0.76 18.06 -15.84
N LYS A 174 -1.57 18.99 -16.34
CA LYS A 174 -1.10 20.10 -17.17
C LYS A 174 -0.91 21.29 -16.27
N LEU A 175 0.34 21.60 -15.98
CA LEU A 175 0.66 22.72 -15.09
C LEU A 175 1.04 23.95 -15.88
N THR A 176 0.34 25.05 -15.64
CA THR A 176 0.66 26.30 -16.31
C THR A 176 1.15 27.33 -15.29
N PRO A 177 2.47 27.51 -15.19
CA PRO A 177 3.02 28.48 -14.24
C PRO A 177 2.57 29.91 -14.58
N VAL A 178 1.94 30.54 -13.60
CA VAL A 178 1.45 31.91 -13.75
C VAL A 178 2.09 32.80 -12.69
N ALA A 179 1.78 34.09 -12.72
CA ALA A 179 2.36 35.03 -11.78
C ALA A 179 2.01 34.76 -10.31
N TYR A 180 0.78 34.32 -10.06
CA TYR A 180 0.32 34.04 -8.70
C TYR A 180 0.68 32.65 -8.20
N GLY A 181 1.28 31.85 -9.07
CA GLY A 181 1.64 30.50 -8.68
C GLY A 181 1.61 29.57 -9.87
N CYS A 182 0.68 28.61 -9.86
CA CYS A 182 0.59 27.66 -10.96
C CYS A 182 -0.83 27.11 -11.08
N ARG A 183 -1.37 27.12 -12.31
CA ARG A 183 -2.70 26.61 -12.56
C ARG A 183 -2.56 25.13 -12.88
N VAL A 184 -3.59 24.34 -12.55
CA VAL A 184 -3.52 22.91 -12.78
C VAL A 184 -4.76 22.37 -13.48
N GLU A 185 -4.56 21.42 -14.37
CA GLU A 185 -5.66 20.79 -15.07
C GLU A 185 -5.33 19.29 -15.06
N SER A 186 -6.32 18.47 -14.74
CA SER A 186 -6.15 17.02 -14.67
C SER A 186 -6.96 16.35 -15.78
N ILE A 187 -6.30 15.55 -16.60
CA ILE A 187 -6.97 14.89 -17.71
C ILE A 187 -6.83 13.38 -17.54
N TYR A 188 -7.95 12.71 -17.23
CA TYR A 188 -7.93 11.26 -17.06
C TYR A 188 -8.20 10.56 -18.37
N LEU A 189 -7.26 9.75 -18.83
CA LEU A 189 -7.43 9.04 -20.08
C LEU A 189 -7.91 7.63 -19.75
N ASN A 190 -9.22 7.44 -19.78
CA ASN A 190 -9.83 6.15 -19.46
C ASN A 190 -9.67 5.07 -20.54
N VAL A 191 -8.81 4.10 -20.25
CA VAL A 191 -8.55 2.98 -21.16
C VAL A 191 -8.71 1.67 -20.39
N MET B 1 -0.12 -17.31 34.13
CA MET B 1 -1.53 -16.90 33.85
C MET B 1 -1.89 -17.35 32.44
N ARG B 2 -3.15 -17.12 32.04
CA ARG B 2 -3.63 -17.51 30.72
C ARG B 2 -3.04 -16.57 29.66
N SER B 3 -3.16 -16.97 28.39
CA SER B 3 -2.67 -16.16 27.29
C SER B 3 -3.64 -16.15 26.12
N ILE B 4 -3.63 -15.04 25.39
CA ILE B 4 -4.49 -14.85 24.21
C ILE B 4 -3.50 -14.75 23.05
N TYR B 5 -3.54 -15.70 22.14
CA TYR B 5 -2.65 -15.71 21.00
C TYR B 5 -3.35 -15.08 19.80
N LEU B 6 -2.77 -14.01 19.25
CA LEU B 6 -3.36 -13.34 18.08
C LEU B 6 -2.49 -13.45 16.84
N CYS B 7 -3.10 -13.89 15.74
CA CYS B 7 -2.39 -14.01 14.48
C CYS B 7 -3.36 -13.98 13.31
N ARG B 8 -2.81 -13.80 12.13
CA ARG B 8 -3.62 -13.77 10.93
C ARG B 8 -3.64 -15.13 10.28
N GLY B 10 -2.94 -17.74 7.27
CA GLY B 10 -1.68 -17.84 6.58
C GLY B 10 -1.77 -16.99 5.32
N GLU B 11 -0.66 -16.78 4.63
CA GLU B 11 -0.66 -15.96 3.41
C GLU B 11 -1.71 -16.46 2.41
N SER B 12 -2.57 -15.56 1.94
CA SER B 12 -3.62 -15.94 1.00
C SER B 12 -3.21 -15.67 -0.45
N GLU B 13 -4.06 -16.13 -1.37
CA GLU B 13 -3.82 -15.94 -2.80
C GLU B 13 -3.88 -14.47 -3.16
N LEU B 14 -4.84 -13.73 -2.58
CA LEU B 14 -4.95 -12.31 -2.87
C LEU B 14 -3.83 -11.51 -2.22
N ASN B 15 -3.32 -11.99 -1.08
CA ASN B 15 -2.21 -11.31 -0.40
C ASN B 15 -1.01 -11.32 -1.32
N LEU B 16 -0.81 -12.46 -1.98
CA LEU B 16 0.31 -12.67 -2.88
C LEU B 16 0.18 -11.81 -4.16
N ARG B 17 -1.06 -11.58 -4.60
CA ARG B 17 -1.32 -10.77 -5.78
C ARG B 17 -1.45 -9.28 -5.46
N GLY B 18 -1.11 -8.88 -4.24
CA GLY B 18 -1.19 -7.49 -3.85
C GLY B 18 -2.59 -6.89 -3.81
N ARG B 19 -3.60 -7.73 -3.72
CA ARG B 19 -4.98 -7.26 -3.67
C ARG B 19 -5.56 -7.36 -2.25
N ILE B 20 -6.52 -6.50 -1.95
CA ILE B 20 -7.14 -6.46 -0.63
C ILE B 20 -8.52 -7.10 -0.55
N GLY B 21 -8.93 -7.47 0.65
CA GLY B 21 -10.23 -8.06 0.88
C GLY B 21 -10.44 -9.37 0.17
N GLY B 22 -11.67 -9.64 -0.23
CA GLY B 22 -11.97 -10.87 -0.92
C GLY B 22 -12.09 -12.08 0.00
N ASP B 23 -12.37 -13.22 -0.61
CA ASP B 23 -12.53 -14.47 0.12
C ASP B 23 -11.70 -15.54 -0.55
N SER B 24 -10.40 -15.32 -0.60
CA SER B 24 -9.49 -16.25 -1.24
C SER B 24 -8.88 -17.28 -0.29
N GLY B 25 -8.29 -18.33 -0.86
CA GLY B 25 -7.69 -19.38 -0.07
C GLY B 25 -6.21 -19.16 0.20
N LEU B 26 -5.62 -20.07 0.97
CA LEU B 26 -4.21 -19.99 1.32
C LEU B 26 -3.30 -20.36 0.15
N SER B 27 -2.14 -19.73 0.13
CA SER B 27 -1.15 -19.99 -0.89
C SER B 27 -0.36 -21.19 -0.39
N ALA B 28 0.60 -21.66 -1.17
CA ALA B 28 1.41 -22.80 -0.78
C ALA B 28 2.10 -22.54 0.55
N ARG B 29 2.86 -21.45 0.63
CA ARG B 29 3.56 -21.14 1.87
C ARG B 29 2.59 -20.66 2.95
N GLY B 30 1.37 -20.35 2.53
CA GLY B 30 0.34 -19.92 3.46
C GLY B 30 -0.09 -21.12 4.26
N LYS B 31 -0.02 -22.29 3.62
CA LYS B 31 -0.40 -23.56 4.23
C LYS B 31 0.73 -24.07 5.14
N GLN B 32 1.98 -23.83 4.72
CA GLN B 32 3.13 -24.23 5.51
C GLN B 32 3.06 -23.55 6.87
N TYR B 33 2.58 -22.31 6.88
CA TYR B 33 2.44 -21.55 8.11
C TYR B 33 1.40 -22.19 9.03
N ALA B 34 0.29 -22.63 8.45
CA ALA B 34 -0.77 -23.26 9.22
C ALA B 34 -0.24 -24.48 10.00
N TYR B 35 0.70 -25.19 9.39
CA TYR B 35 1.30 -26.36 10.04
C TYR B 35 2.36 -25.92 11.03
N ALA B 36 3.13 -24.88 10.68
CA ALA B 36 4.16 -24.35 11.57
C ALA B 36 3.51 -23.73 12.82
N LEU B 37 2.28 -23.26 12.66
CA LEU B 37 1.54 -22.65 13.76
C LEU B 37 1.14 -23.76 14.74
N ALA B 38 0.60 -24.86 14.20
CA ALA B 38 0.21 -26.00 15.02
C ALA B 38 1.39 -26.47 15.87
N ASN B 39 2.59 -26.45 15.29
CA ASN B 39 3.78 -26.87 16.02
C ASN B 39 4.16 -25.89 17.12
N PHE B 40 3.88 -24.59 16.90
CA PHE B 40 4.20 -23.57 17.90
C PHE B 40 3.25 -23.74 19.09
N ILE B 41 1.97 -23.90 18.81
CA ILE B 41 0.95 -24.07 19.83
C ILE B 41 1.27 -25.34 20.63
N ARG B 42 1.71 -26.37 19.93
CA ARG B 42 2.08 -27.64 20.55
C ARG B 42 3.17 -27.41 21.58
N SER B 43 4.22 -26.70 21.18
CA SER B 43 5.36 -26.43 22.06
C SER B 43 5.03 -25.57 23.28
N GLN B 44 3.88 -24.91 23.26
CA GLN B 44 3.49 -24.06 24.38
C GLN B 44 3.08 -24.84 25.62
N GLY B 45 2.73 -26.11 25.43
CA GLY B 45 2.33 -26.94 26.55
C GLY B 45 1.07 -26.46 27.21
N ILE B 46 0.02 -26.27 26.40
CA ILE B 46 -1.26 -25.80 26.89
C ILE B 46 -2.20 -27.01 27.06
N SER B 47 -2.99 -27.01 28.13
CA SER B 47 -3.90 -28.11 28.38
C SER B 47 -5.23 -27.95 27.67
N SER B 48 -5.82 -26.76 27.76
CA SER B 48 -7.09 -26.46 27.12
C SER B 48 -7.01 -25.12 26.39
N LEU B 49 -7.57 -25.07 25.19
CA LEU B 49 -7.50 -23.86 24.38
C LEU B 49 -8.73 -23.71 23.49
N LYS B 50 -9.24 -22.49 23.38
CA LYS B 50 -10.38 -22.22 22.51
C LYS B 50 -9.83 -21.54 21.27
N VAL B 51 -10.16 -22.06 20.10
CA VAL B 51 -9.70 -21.50 18.85
C VAL B 51 -10.88 -20.87 18.13
N TRP B 52 -10.77 -19.58 17.81
CA TRP B 52 -11.81 -18.84 17.11
C TRP B 52 -11.31 -18.42 15.72
N THR B 53 -12.22 -18.38 14.76
CA THR B 53 -11.89 -17.97 13.39
C THR B 53 -13.04 -17.09 12.88
N SER B 54 -12.96 -16.66 11.64
CA SER B 54 -14.03 -15.85 11.04
C SER B 54 -14.73 -16.78 10.05
N HIS B 55 -15.58 -16.23 9.20
CA HIS B 55 -16.26 -17.05 8.19
C HIS B 55 -15.43 -17.12 6.91
N MET B 56 -14.37 -16.31 6.85
CA MET B 56 -13.49 -16.28 5.69
C MET B 56 -12.68 -17.56 5.54
N LYS B 57 -12.68 -18.12 4.33
CA LYS B 57 -11.96 -19.35 4.02
C LYS B 57 -10.51 -19.38 4.51
N ARG B 58 -9.78 -18.29 4.27
CA ARG B 58 -8.38 -18.22 4.69
C ARG B 58 -8.15 -18.50 6.17
N THR B 59 -9.05 -18.04 7.04
CA THR B 59 -8.90 -18.30 8.46
C THR B 59 -9.31 -19.74 8.80
N ILE B 60 -10.40 -20.20 8.19
CA ILE B 60 -10.90 -21.55 8.39
C ILE B 60 -9.85 -22.60 8.01
N GLN B 61 -9.27 -22.44 6.82
CA GLN B 61 -8.25 -23.36 6.33
C GLN B 61 -7.03 -23.41 7.25
N THR B 62 -6.70 -22.27 7.85
CA THR B 62 -5.56 -22.20 8.76
C THR B 62 -5.88 -23.01 10.03
N ALA B 63 -7.12 -22.90 10.51
CA ALA B 63 -7.56 -23.61 11.69
C ALA B 63 -7.57 -25.12 11.42
N GLU B 64 -7.90 -25.49 10.18
CA GLU B 64 -7.94 -26.90 9.78
C GLU B 64 -6.61 -27.63 10.00
N ALA B 65 -5.51 -26.88 10.02
CA ALA B 65 -4.19 -27.48 10.21
C ALA B 65 -3.92 -27.84 11.68
N LEU B 66 -4.73 -27.31 12.59
CA LEU B 66 -4.54 -27.58 14.01
C LEU B 66 -4.96 -28.98 14.44
N GLY B 67 -6.05 -29.46 13.86
CA GLY B 67 -6.55 -30.78 14.21
C GLY B 67 -7.41 -30.72 15.45
N VAL B 68 -7.84 -29.52 15.82
CA VAL B 68 -8.70 -29.32 16.99
C VAL B 68 -9.91 -28.52 16.54
N PRO B 69 -11.04 -28.63 17.26
CA PRO B 69 -12.24 -27.87 16.88
C PRO B 69 -12.05 -26.37 17.04
N TYR B 70 -12.92 -25.59 16.40
CA TYR B 70 -12.87 -24.14 16.46
C TYR B 70 -14.27 -23.55 16.26
N GLU B 71 -14.48 -22.33 16.75
CA GLU B 71 -15.76 -21.63 16.61
C GLU B 71 -15.57 -20.53 15.57
N GLN B 72 -16.58 -20.30 14.75
CA GLN B 72 -16.54 -19.28 13.71
C GLN B 72 -17.37 -18.07 14.09
N TRP B 73 -16.74 -16.90 14.15
CA TRP B 73 -17.43 -15.66 14.49
C TRP B 73 -17.50 -14.76 13.25
N LYS B 74 -18.69 -14.28 12.94
CA LYS B 74 -18.88 -13.39 11.80
C LYS B 74 -18.22 -12.07 12.15
N ALA B 75 -18.21 -11.75 13.45
CA ALA B 75 -17.63 -10.52 13.96
C ALA B 75 -16.13 -10.43 13.68
N LEU B 76 -15.49 -11.57 13.43
CA LEU B 76 -14.08 -11.57 13.16
C LEU B 76 -13.80 -11.43 11.66
N ASN B 77 -14.85 -11.18 10.89
CA ASN B 77 -14.70 -10.97 9.44
C ASN B 77 -13.91 -9.70 9.21
N GLU B 78 -13.03 -9.71 8.21
CA GLU B 78 -12.20 -8.56 7.89
C GLU B 78 -13.02 -7.35 7.46
N ILE B 79 -12.44 -6.17 7.66
CA ILE B 79 -13.10 -4.92 7.30
C ILE B 79 -13.54 -4.96 5.83
N ASP B 80 -14.74 -4.44 5.57
CA ASP B 80 -15.29 -4.40 4.21
C ASP B 80 -14.83 -3.15 3.45
N ALA B 81 -14.17 -3.34 2.32
CA ALA B 81 -13.69 -2.22 1.51
C ALA B 81 -14.73 -1.71 0.51
N GLY B 82 -15.92 -2.32 0.50
CA GLY B 82 -16.97 -1.90 -0.41
C GLY B 82 -16.60 -2.06 -1.87
N VAL B 83 -16.75 -0.99 -2.64
CA VAL B 83 -16.45 -1.03 -4.08
C VAL B 83 -14.97 -1.32 -4.38
N CYS B 84 -14.11 -1.06 -3.40
CA CYS B 84 -12.67 -1.28 -3.57
C CYS B 84 -12.18 -2.69 -3.22
N GLU B 85 -13.12 -3.58 -2.89
CA GLU B 85 -12.79 -4.96 -2.55
C GLU B 85 -12.06 -5.62 -3.73
N GLU B 86 -11.03 -6.39 -3.41
CA GLU B 86 -10.23 -7.12 -4.39
C GLU B 86 -9.42 -6.26 -5.38
N MET B 87 -9.18 -5.01 -4.99
CA MET B 87 -8.42 -4.07 -5.81
C MET B 87 -7.03 -3.81 -5.20
N THR B 88 -6.11 -3.32 -6.02
CA THR B 88 -4.76 -3.01 -5.55
C THR B 88 -4.78 -1.54 -5.14
N TYR B 89 -3.70 -1.05 -4.53
CA TYR B 89 -3.64 0.36 -4.15
C TYR B 89 -3.59 1.27 -5.38
N GLU B 90 -2.80 0.88 -6.38
CA GLU B 90 -2.68 1.65 -7.61
C GLU B 90 -4.05 1.75 -8.29
N GLU B 91 -4.76 0.62 -8.30
CA GLU B 91 -6.08 0.56 -8.89
C GLU B 91 -7.02 1.52 -8.17
N ILE B 92 -6.99 1.50 -6.85
CA ILE B 92 -7.83 2.38 -6.03
C ILE B 92 -7.48 3.86 -6.24
N GLN B 93 -6.19 4.15 -6.39
CA GLN B 93 -5.72 5.51 -6.62
C GLN B 93 -6.24 6.09 -7.93
N GLU B 94 -6.22 5.27 -8.98
CA GLU B 94 -6.67 5.68 -10.31
C GLU B 94 -8.17 5.90 -10.46
N HIS B 95 -8.96 4.86 -10.17
CA HIS B 95 -10.41 4.95 -10.32
C HIS B 95 -11.19 5.64 -9.23
N TYR B 96 -10.59 5.79 -8.05
CA TYR B 96 -11.23 6.44 -6.90
C TYR B 96 -10.23 7.36 -6.22
N PRO B 97 -9.63 8.31 -6.98
CA PRO B 97 -8.65 9.25 -6.46
C PRO B 97 -9.06 10.06 -5.24
N GLU B 98 -10.26 10.65 -5.28
CA GLU B 98 -10.75 11.46 -4.18
C GLU B 98 -10.97 10.63 -2.94
N GLU B 99 -11.56 9.45 -3.11
CA GLU B 99 -11.82 8.53 -2.01
C GLU B 99 -10.50 8.16 -1.35
N PHE B 100 -9.52 7.75 -2.16
CA PHE B 100 -8.20 7.37 -1.67
C PHE B 100 -7.56 8.47 -0.81
N ALA B 101 -7.61 9.71 -1.28
CA ALA B 101 -7.03 10.84 -0.57
C ALA B 101 -7.75 11.11 0.76
N LEU B 102 -9.07 11.00 0.76
CA LEU B 102 -9.86 11.22 1.97
C LEU B 102 -9.53 10.21 3.08
N ARG B 103 -9.18 9.00 2.71
CA ARG B 103 -8.85 7.97 3.71
C ARG B 103 -7.59 8.37 4.45
N ASP B 104 -6.56 8.78 3.71
CA ASP B 104 -5.29 9.18 4.31
C ASP B 104 -5.43 10.22 5.41
N GLN B 105 -6.35 11.17 5.23
CA GLN B 105 -6.54 12.22 6.23
C GLN B 105 -7.23 11.78 7.53
N ASP B 106 -8.09 10.76 7.45
CA ASP B 106 -8.77 10.22 8.64
C ASP B 106 -8.97 8.72 8.42
N LYS B 107 -7.90 7.97 8.59
CA LYS B 107 -7.93 6.52 8.40
C LYS B 107 -8.87 5.78 9.35
N TYR B 108 -9.15 6.38 10.51
CA TYR B 108 -10.03 5.72 11.47
C TYR B 108 -11.51 5.81 11.17
N ARG B 109 -11.97 7.00 10.77
CA ARG B 109 -13.39 7.20 10.49
C ARG B 109 -13.86 7.06 9.05
N TYR B 110 -12.93 7.12 8.10
CA TYR B 110 -13.29 7.01 6.69
C TYR B 110 -13.86 5.66 6.20
N ARG B 111 -14.86 5.73 5.33
CA ARG B 111 -15.51 4.55 4.75
C ARG B 111 -15.48 4.62 3.23
N TYR B 112 -14.98 3.55 2.58
CA TYR B 112 -14.98 3.48 1.12
C TYR B 112 -16.43 3.32 0.73
N PRO B 113 -16.80 3.68 -0.51
CA PRO B 113 -18.20 3.53 -0.92
C PRO B 113 -18.68 2.09 -0.70
N LYS B 114 -19.73 1.97 0.12
CA LYS B 114 -20.34 0.68 0.48
C LYS B 114 -19.42 -0.17 1.36
N GLY B 115 -18.53 0.48 2.10
CA GLY B 115 -17.62 -0.22 2.96
C GLY B 115 -17.73 0.17 4.42
N GLU B 116 -16.79 -0.31 5.24
CA GLU B 116 -16.74 -0.05 6.68
C GLU B 116 -15.53 0.78 7.02
N SER B 117 -15.59 1.43 8.17
CA SER B 117 -14.47 2.23 8.64
C SER B 117 -13.86 1.44 9.79
N TYR B 118 -12.72 1.89 10.30
CA TYR B 118 -12.10 1.21 11.43
C TYR B 118 -13.04 1.35 12.64
N GLU B 119 -13.70 2.50 12.74
CA GLU B 119 -14.63 2.79 13.82
C GLU B 119 -15.76 1.77 13.88
N ASP B 120 -16.29 1.40 12.70
CA ASP B 120 -17.36 0.41 12.61
C ASP B 120 -16.84 -0.95 13.09
N LEU B 121 -15.65 -1.31 12.65
CA LEU B 121 -15.02 -2.58 13.00
C LEU B 121 -14.85 -2.69 14.52
N VAL B 122 -14.44 -1.59 15.14
CA VAL B 122 -14.26 -1.55 16.59
C VAL B 122 -15.58 -1.84 17.30
N GLN B 123 -16.65 -1.22 16.83
CA GLN B 123 -17.97 -1.43 17.41
C GLN B 123 -18.40 -2.89 17.21
N ARG B 124 -18.25 -3.38 15.99
CA ARG B 124 -18.60 -4.75 15.64
C ARG B 124 -17.87 -5.81 16.49
N LEU B 125 -16.65 -5.50 16.92
CA LEU B 125 -15.85 -6.41 17.74
C LEU B 125 -16.06 -6.35 19.26
N GLU B 126 -16.93 -5.47 19.72
CA GLU B 126 -17.20 -5.34 21.16
C GLU B 126 -17.55 -6.66 21.84
N PRO B 127 -18.52 -7.42 21.28
CA PRO B 127 -18.86 -8.69 21.93
C PRO B 127 -17.73 -9.75 21.90
N VAL B 128 -16.75 -9.59 21.00
CA VAL B 128 -15.63 -10.51 20.91
C VAL B 128 -14.65 -10.24 22.04
N ILE B 129 -14.37 -8.96 22.27
CA ILE B 129 -13.45 -8.56 23.32
C ILE B 129 -14.03 -8.94 24.69
N MET B 130 -15.32 -8.71 24.88
CA MET B 130 -15.99 -9.04 26.13
C MET B 130 -15.82 -10.50 26.49
N GLU B 131 -15.99 -11.38 25.51
CA GLU B 131 -15.84 -12.82 25.72
C GLU B 131 -14.39 -13.16 26.00
N LEU B 132 -13.50 -12.59 25.18
CA LEU B 132 -12.06 -12.78 25.29
C LEU B 132 -11.58 -12.41 26.70
N GLU B 133 -12.24 -11.43 27.28
CA GLU B 133 -11.93 -10.94 28.62
C GLU B 133 -12.42 -11.92 29.70
N ARG B 134 -13.44 -12.70 29.39
CA ARG B 134 -13.99 -13.66 30.34
C ARG B 134 -13.67 -15.13 29.98
N GLN B 135 -12.48 -15.37 29.44
CA GLN B 135 -12.06 -16.73 29.06
C GLN B 135 -10.63 -17.00 29.52
N GLU B 136 -10.15 -18.21 29.25
CA GLU B 136 -8.79 -18.59 29.62
C GLU B 136 -7.89 -18.48 28.38
N ASN B 137 -7.18 -19.56 28.04
CA ASN B 137 -6.30 -19.57 26.87
C ASN B 137 -7.12 -19.59 25.59
N VAL B 138 -6.84 -18.65 24.70
CA VAL B 138 -7.56 -18.56 23.43
C VAL B 138 -6.62 -18.23 22.26
N LEU B 139 -6.92 -18.78 21.10
CA LEU B 139 -6.16 -18.53 19.88
C LEU B 139 -7.14 -17.90 18.89
N VAL B 140 -6.88 -16.66 18.49
CA VAL B 140 -7.75 -15.97 17.53
C VAL B 140 -7.04 -15.84 16.19
N ILE B 141 -7.53 -16.61 15.21
CA ILE B 141 -6.97 -16.60 13.87
C ILE B 141 -7.90 -15.68 13.09
N CYS B 142 -7.43 -14.46 12.83
CA CYS B 142 -8.25 -13.46 12.16
C CYS B 142 -7.58 -12.74 10.98
N HIS B 143 -7.74 -11.42 10.92
CA HIS B 143 -7.21 -10.61 9.83
C HIS B 143 -6.46 -9.38 10.32
N GLN B 144 -5.77 -8.70 9.40
CA GLN B 144 -4.97 -7.51 9.72
C GLN B 144 -5.72 -6.36 10.37
N ALA B 145 -6.84 -5.96 9.78
CA ALA B 145 -7.61 -4.85 10.35
C ALA B 145 -8.23 -5.27 11.68
N VAL B 146 -8.82 -6.46 11.70
CA VAL B 146 -9.45 -7.01 12.91
C VAL B 146 -8.40 -7.17 14.02
N MET B 147 -7.21 -7.62 13.64
CA MET B 147 -6.13 -7.84 14.60
C MET B 147 -5.65 -6.53 15.22
N ARG B 148 -5.61 -5.46 14.43
CA ARG B 148 -5.21 -4.14 14.93
C ARG B 148 -6.18 -3.58 15.96
N CYS B 149 -7.47 -3.80 15.75
CA CYS B 149 -8.48 -3.33 16.67
C CYS B 149 -8.34 -4.06 18.02
N LEU B 150 -8.22 -5.38 17.96
CA LEU B 150 -8.08 -6.21 19.16
C LEU B 150 -6.81 -5.84 19.93
N LEU B 151 -5.70 -5.76 19.20
CA LEU B 151 -4.41 -5.42 19.78
C LEU B 151 -4.42 -4.04 20.42
N ALA B 152 -5.17 -3.11 19.81
CA ALA B 152 -5.27 -1.75 20.33
C ALA B 152 -5.93 -1.72 21.71
N TYR B 153 -6.97 -2.53 21.89
CA TYR B 153 -7.66 -2.62 23.17
C TYR B 153 -6.73 -3.14 24.27
N PHE B 154 -6.17 -4.33 24.05
CA PHE B 154 -5.27 -4.98 25.01
C PHE B 154 -4.00 -4.20 25.33
N LEU B 155 -3.47 -3.47 24.37
CA LEU B 155 -2.25 -2.71 24.61
C LEU B 155 -2.46 -1.22 24.82
N ASP B 156 -3.73 -0.82 25.01
CA ASP B 156 -4.11 0.58 25.24
C ASP B 156 -3.52 1.56 24.22
N LYS B 157 -4.06 1.52 23.01
CA LYS B 157 -3.59 2.40 21.96
C LYS B 157 -4.73 3.31 21.56
N SER B 158 -4.40 4.52 21.14
CA SER B 158 -5.43 5.47 20.72
C SER B 158 -5.94 5.14 19.31
N SER B 159 -7.08 5.73 18.95
CA SER B 159 -7.66 5.50 17.64
C SER B 159 -6.76 6.02 16.52
N ASP B 160 -5.80 6.88 16.89
CA ASP B 160 -4.84 7.44 15.94
C ASP B 160 -3.74 6.41 15.67
N GLU B 161 -3.40 5.63 16.68
CA GLU B 161 -2.36 4.60 16.54
C GLU B 161 -2.91 3.35 15.90
N LEU B 162 -4.15 3.01 16.26
CA LEU B 162 -4.84 1.81 15.79
C LEU B 162 -4.62 1.40 14.33
N PRO B 163 -4.95 2.28 13.36
CA PRO B 163 -4.77 1.96 11.93
C PRO B 163 -3.35 1.69 11.44
N TYR B 164 -2.35 2.05 12.24
CA TYR B 164 -0.96 1.86 11.84
C TYR B 164 -0.18 0.82 12.67
N LEU B 165 -0.87 0.18 13.61
CA LEU B 165 -0.26 -0.86 14.45
C LEU B 165 0.28 -1.99 13.59
N LYS B 166 1.50 -2.40 13.91
CA LYS B 166 2.18 -3.47 13.18
C LYS B 166 1.48 -4.83 13.31
N CYS B 167 1.10 -5.41 12.17
CA CYS B 167 0.44 -6.72 12.14
C CYS B 167 0.80 -7.53 10.88
N PRO B 168 2.09 -7.87 10.72
CA PRO B 168 2.55 -8.63 9.57
C PRO B 168 2.05 -10.08 9.57
N LEU B 169 2.22 -10.75 8.43
CA LEU B 169 1.81 -12.14 8.29
C LEU B 169 2.83 -13.07 8.94
N HIS B 170 2.37 -14.29 9.23
CA HIS B 170 3.20 -15.34 9.83
C HIS B 170 3.86 -14.94 11.15
N THR B 171 3.19 -14.05 11.88
CA THR B 171 3.71 -13.57 13.17
C THR B 171 2.63 -13.72 14.25
N VAL B 172 2.97 -14.46 15.30
CA VAL B 172 2.04 -14.70 16.40
C VAL B 172 2.32 -13.74 17.55
N LEU B 173 1.27 -13.10 18.05
CA LEU B 173 1.43 -12.21 19.19
C LEU B 173 0.82 -12.90 20.43
N LYS B 174 1.67 -13.24 21.40
CA LYS B 174 1.23 -13.89 22.63
C LYS B 174 1.02 -12.80 23.67
N LEU B 175 -0.25 -12.56 24.00
CA LEU B 175 -0.60 -11.54 24.97
C LEU B 175 -1.01 -12.18 26.29
N THR B 176 -0.46 -11.68 27.39
CA THR B 176 -0.82 -12.19 28.70
C THR B 176 -1.42 -11.05 29.51
N PRO B 177 -2.75 -10.97 29.56
CA PRO B 177 -3.40 -9.90 30.33
C PRO B 177 -3.23 -10.08 31.85
N VAL B 178 -2.93 -8.96 32.52
CA VAL B 178 -2.70 -8.94 33.95
C VAL B 178 -3.57 -7.88 34.64
N ALA B 179 -3.15 -7.41 35.82
CA ALA B 179 -3.90 -6.42 36.61
C ALA B 179 -4.23 -5.19 35.79
N TYR B 180 -3.23 -4.64 35.14
CA TYR B 180 -3.40 -3.48 34.28
C TYR B 180 -2.44 -3.72 33.13
N GLY B 181 -2.84 -3.33 31.92
CA GLY B 181 -1.99 -3.51 30.77
C GLY B 181 -2.03 -4.93 30.27
N CYS B 182 -1.00 -5.33 29.53
CA CYS B 182 -0.93 -6.67 28.96
C CYS B 182 0.51 -6.95 28.54
N ARG B 183 1.00 -8.16 28.78
CA ARG B 183 2.35 -8.53 28.39
C ARG B 183 2.28 -8.89 26.91
N VAL B 184 3.39 -8.71 26.20
CA VAL B 184 3.41 -9.00 24.76
C VAL B 184 4.68 -9.71 24.35
N GLU B 185 4.52 -10.73 23.50
CA GLU B 185 5.64 -11.51 23.00
C GLU B 185 5.34 -11.72 21.52
N SER B 186 6.30 -11.37 20.66
CA SER B 186 6.17 -11.49 19.21
C SER B 186 6.97 -12.69 18.70
N ILE B 187 6.28 -13.68 18.13
CA ILE B 187 6.96 -14.88 17.63
C ILE B 187 6.76 -15.01 16.13
N TYR B 188 7.87 -14.99 15.38
CA TYR B 188 7.81 -15.11 13.93
C TYR B 188 8.04 -16.56 13.46
N LEU B 189 7.10 -17.08 12.66
CA LEU B 189 7.21 -18.44 12.13
C LEU B 189 7.66 -18.36 10.66
N ASN B 190 8.96 -18.54 10.47
CA ASN B 190 9.60 -18.49 9.16
C ASN B 190 9.25 -19.66 8.23
N VAL B 191 8.55 -19.37 7.13
CA VAL B 191 8.16 -20.37 6.13
C VAL B 191 8.02 -19.71 4.76
#